data_8BAS
#
_entry.id   8BAS
#
_cell.length_a   61.903
_cell.length_b   61.903
_cell.length_c   215.547
_cell.angle_alpha   90.000
_cell.angle_beta   90.000
_cell.angle_gamma   90.000
#
_symmetry.space_group_name_H-M   'P 43 21 2'
#
loop_
_entity.id
_entity.type
_entity.pdbx_description
1 polymer 'E. coli C7 DarT1'
2 polymer "DNA (5'-D(*AP*AP*GP*AP*C)-3')"
3 non-polymer CARBA-NICOTINAMIDE-ADENINE-DINUCLEOTIDE
4 non-polymer 1,2-ETHANEDIOL
5 water water
#
loop_
_entity_poly.entity_id
_entity_poly.type
_entity_poly.pdbx_seq_one_letter_code
_entity_poly.pdbx_strand_id
1 'polypeptide(L)'
;SMTIQEIIQQRNIRSLFHFTHSDNLTSILDNGLMSRSELDNENNEYNCNDEERIDGHPDAICLSVSYPNAKMFYKYRCLK
PGDWVILEINPSVLWAKDCAFYPTNAASNNVRFINLDLMKGAEAFSALFSENVFGIQRDVNLPSEYTTDVQAAILVFEKI
PPSYIISTFHPNKESAEHFKRLYPQTIQRYYDNLNARTLYSQRHYYLG
;
A
2 'polydeoxyribonucleotide' (DA)(DA)(DG)(DA)(DC) C
#
# COMPACT_ATOMS: atom_id res chain seq x y z
N SER A 1 22.14 12.17 9.16
CA SER A 1 20.97 12.03 8.26
C SER A 1 20.57 10.56 8.20
N MET A 2 19.41 10.25 8.80
CA MET A 2 18.92 8.88 8.93
C MET A 2 18.70 8.25 7.56
N THR A 3 19.00 6.97 7.45
CA THR A 3 18.66 6.20 6.26
C THR A 3 17.20 5.72 6.40
N ILE A 4 16.65 5.24 5.28
CA ILE A 4 15.30 4.66 5.21
C ILE A 4 15.25 3.51 6.19
N GLN A 5 16.32 2.67 6.19
CA GLN A 5 16.39 1.52 7.09
C GLN A 5 16.30 1.99 8.55
N GLU A 6 17.00 3.09 8.88
CA GLU A 6 17.07 3.53 10.27
C GLU A 6 15.69 4.10 10.68
N ILE A 7 15.00 4.75 9.73
CA ILE A 7 13.65 5.24 10.02
C ILE A 7 12.69 4.06 10.31
N ILE A 8 12.76 3.01 9.48
CA ILE A 8 11.95 1.81 9.68
C ILE A 8 12.21 1.19 11.05
N GLN A 9 13.50 1.05 11.43
CA GLN A 9 13.88 0.48 12.72
CA GLN A 9 13.87 0.50 12.73
C GLN A 9 13.31 1.39 13.83
N GLN A 10 13.58 2.69 13.72
CA GLN A 10 13.18 3.59 14.80
C GLN A 10 11.66 3.61 14.97
N ARG A 11 10.87 3.66 13.87
CA ARG A 11 9.42 3.77 13.97
C ARG A 11 8.69 2.43 14.13
N ASN A 12 9.42 1.29 14.14
CA ASN A 12 8.80 -0.02 14.27
C ASN A 12 7.87 -0.33 13.08
N ILE A 13 8.22 0.10 11.88
CA ILE A 13 7.44 -0.26 10.72
C ILE A 13 7.72 -1.73 10.39
N ARG A 14 6.67 -2.50 10.14
CA ARG A 14 6.80 -3.93 9.86
C ARG A 14 6.07 -4.33 8.56
N SER A 15 5.14 -3.46 8.05
CA SER A 15 4.27 -3.82 6.94
C SER A 15 4.15 -2.63 5.99
N LEU A 16 4.19 -2.93 4.67
CA LEU A 16 3.59 -2.10 3.65
C LEU A 16 2.34 -2.84 3.15
N PHE A 17 1.36 -2.09 2.64
CA PHE A 17 0.13 -2.73 2.17
C PHE A 17 -0.26 -2.27 0.78
N HIS A 18 -0.95 -3.15 0.07
CA HIS A 18 -1.55 -2.82 -1.21
C HIS A 18 -2.89 -3.54 -1.25
N PHE A 19 -4.00 -2.79 -1.40
CA PHE A 19 -5.28 -3.43 -1.62
C PHE A 19 -5.50 -3.72 -3.10
N THR A 20 -6.23 -4.79 -3.38
CA THR A 20 -6.58 -5.13 -4.76
C THR A 20 -7.78 -6.05 -4.75
N HIS A 21 -8.49 -6.11 -5.89
CA HIS A 21 -9.63 -7.01 -6.03
C HIS A 21 -9.10 -8.45 -6.08
N SER A 22 -9.81 -9.41 -5.44
CA SER A 22 -9.45 -10.83 -5.50
C SER A 22 -9.26 -11.35 -6.92
N ASP A 23 -9.95 -10.73 -7.90
CA ASP A 23 -9.79 -11.07 -9.31
C ASP A 23 -8.35 -10.92 -9.80
N ASN A 24 -7.54 -10.11 -9.13
CA ASN A 24 -6.17 -9.87 -9.54
C ASN A 24 -5.17 -10.81 -8.83
N LEU A 25 -5.60 -11.51 -7.78
CA LEU A 25 -4.66 -12.09 -6.82
C LEU A 25 -3.83 -13.24 -7.40
N THR A 26 -4.43 -14.09 -8.21
CA THR A 26 -3.73 -15.17 -8.91
C THR A 26 -2.57 -14.60 -9.70
N SER A 27 -2.87 -13.55 -10.49
CA SER A 27 -1.87 -12.95 -11.35
C SER A 27 -0.71 -12.34 -10.53
N ILE A 28 -1.06 -11.78 -9.38
CA ILE A 28 -0.07 -11.15 -8.51
C ILE A 28 0.81 -12.20 -7.82
N LEU A 29 0.22 -13.28 -7.29
CA LEU A 29 1.00 -14.31 -6.60
C LEU A 29 1.90 -15.09 -7.57
N ASP A 30 1.46 -15.20 -8.84
CA ASP A 30 2.24 -15.79 -9.92
C ASP A 30 3.36 -14.85 -10.32
N ASN A 31 3.05 -13.58 -10.60
CA ASN A 31 3.99 -12.76 -11.35
C ASN A 31 4.53 -11.57 -10.56
N GLY A 32 4.10 -11.35 -9.32
CA GLY A 32 4.47 -10.13 -8.64
C GLY A 32 3.53 -8.98 -9.03
N LEU A 33 3.68 -7.87 -8.28
CA LEU A 33 3.01 -6.64 -8.62
C LEU A 33 3.72 -5.96 -9.79
N MET A 34 2.91 -5.45 -10.72
CA MET A 34 3.41 -4.71 -11.86
C MET A 34 2.60 -3.44 -12.03
N SER A 35 3.23 -2.46 -12.66
CA SER A 35 2.59 -1.18 -12.87
C SER A 35 1.53 -1.38 -13.95
N ARG A 36 0.63 -0.42 -14.04
CA ARG A 36 -0.32 -0.44 -15.13
C ARG A 36 0.40 -0.42 -16.48
N SER A 37 1.42 0.44 -16.67
CA SER A 37 2.26 0.45 -17.87
C SER A 37 2.72 -0.96 -18.21
N GLU A 38 3.38 -1.63 -17.25
CA GLU A 38 3.97 -2.93 -17.47
C GLU A 38 2.89 -3.97 -17.75
N LEU A 39 1.67 -3.81 -17.19
CA LEU A 39 0.58 -4.74 -17.41
C LEU A 39 0.11 -4.60 -18.87
N ASP A 40 -0.03 -3.34 -19.33
CA ASP A 40 -0.39 -3.05 -20.71
C ASP A 40 0.58 -3.68 -21.72
N ASN A 41 1.89 -3.47 -21.53
CA ASN A 41 2.92 -3.90 -22.47
C ASN A 41 3.04 -5.42 -22.53
N GLU A 42 2.69 -6.15 -21.45
CA GLU A 42 2.68 -7.62 -21.44
C GLU A 42 1.30 -8.16 -21.83
N ASN A 43 0.33 -7.29 -22.18
CA ASN A 43 -1.04 -7.70 -22.49
C ASN A 43 -1.55 -8.63 -21.39
N ASN A 44 -1.26 -8.31 -20.11
CA ASN A 44 -1.84 -9.03 -18.97
C ASN A 44 -3.20 -8.43 -18.67
N GLU A 45 -4.12 -9.30 -18.22
CA GLU A 45 -5.43 -8.93 -17.72
C GLU A 45 -5.32 -8.42 -16.27
N TYR A 46 -6.02 -7.30 -15.98
CA TYR A 46 -6.12 -6.74 -14.63
C TYR A 46 -7.45 -5.99 -14.49
N ASN A 47 -7.96 -5.93 -13.25
CA ASN A 47 -8.99 -4.97 -12.84
C ASN A 47 -8.31 -3.84 -12.07
N CYS A 48 -8.25 -2.67 -12.72
CA CYS A 48 -7.72 -1.45 -12.12
C CYS A 48 -8.88 -0.60 -11.61
N ASN A 49 -8.51 0.41 -10.82
CA ASN A 49 -9.48 1.20 -10.08
C ASN A 49 -9.52 2.61 -10.67
N ASP A 50 -8.31 3.19 -10.79
CA ASP A 50 -8.14 4.57 -11.20
C ASP A 50 -8.32 4.67 -12.72
N GLU A 51 -9.32 5.44 -13.17
CA GLU A 51 -9.47 5.69 -14.60
C GLU A 51 -8.54 6.83 -15.07
N GLU A 52 -8.05 7.69 -14.15
CA GLU A 52 -7.41 8.95 -14.49
C GLU A 52 -5.88 8.89 -14.37
N ARG A 53 -5.38 8.23 -13.30
CA ARG A 53 -3.97 8.28 -12.88
C ARG A 53 -3.46 9.74 -12.90
N ILE A 54 -4.12 10.57 -12.07
CA ILE A 54 -3.78 11.98 -11.94
C ILE A 54 -2.36 12.14 -11.34
N ASP A 55 -1.83 11.08 -10.66
CA ASP A 55 -0.48 11.04 -10.11
C ASP A 55 0.52 11.27 -11.26
N GLY A 56 0.17 10.72 -12.46
CA GLY A 56 0.92 10.87 -13.70
C GLY A 56 2.06 9.85 -13.78
N HIS A 57 1.96 8.76 -12.98
CA HIS A 57 2.99 7.74 -12.93
C HIS A 57 2.37 6.35 -13.08
N PRO A 58 1.85 6.00 -14.30
CA PRO A 58 1.23 4.69 -14.55
C PRO A 58 2.27 3.58 -14.59
N ASP A 59 3.56 3.97 -14.51
CA ASP A 59 4.63 3.00 -14.40
C ASP A 59 5.01 2.76 -12.93
N ALA A 60 4.20 3.28 -12.00
CA ALA A 60 4.44 3.07 -10.59
C ALA A 60 3.34 2.21 -9.98
N ILE A 61 3.77 1.32 -9.09
CA ILE A 61 2.89 0.59 -8.18
C ILE A 61 2.74 1.39 -6.91
N CYS A 62 1.50 1.47 -6.40
CA CYS A 62 1.19 2.28 -5.23
CA CYS A 62 1.22 2.28 -5.23
C CYS A 62 1.04 1.40 -3.99
N LEU A 63 1.80 1.74 -2.93
CA LEU A 63 1.72 1.03 -1.63
C LEU A 63 1.43 2.08 -0.54
N SER A 64 1.10 1.53 0.64
CA SER A 64 0.94 2.27 1.87
C SER A 64 1.91 1.74 2.92
N VAL A 65 2.26 2.62 3.87
CA VAL A 65 3.06 2.27 5.03
C VAL A 65 2.16 2.03 6.22
N SER A 66 2.20 0.78 6.73
CA SER A 66 1.60 0.38 8.01
C SER A 66 0.06 0.26 8.02
N TYR A 67 -0.64 0.94 7.11
CA TYR A 67 -2.07 0.86 7.07
C TYR A 67 -2.49 1.22 5.66
N PRO A 68 -3.50 0.54 5.06
CA PRO A 68 -4.00 0.90 3.73
C PRO A 68 -4.54 2.33 3.68
N ASN A 69 -4.65 2.87 2.44
CA ASN A 69 -5.42 4.07 2.20
C ASN A 69 -6.90 3.71 2.34
N ALA A 70 -7.40 3.72 3.60
CA ALA A 70 -8.71 3.21 3.96
C ALA A 70 -9.83 3.97 3.24
N LYS A 71 -9.55 5.23 2.90
CA LYS A 71 -10.48 6.10 2.22
C LYS A 71 -10.73 5.65 0.79
N MET A 72 -9.65 5.66 0.04
CA MET A 72 -9.73 5.24 -1.34
C MET A 72 -10.19 3.78 -1.38
N PHE A 73 -9.66 2.94 -0.46
CA PHE A 73 -9.99 1.52 -0.47
C PHE A 73 -11.52 1.32 -0.34
N TYR A 74 -12.13 2.03 0.63
CA TYR A 74 -13.55 1.87 0.90
C TYR A 74 -14.36 2.29 -0.35
N LYS A 75 -13.99 3.46 -0.90
CA LYS A 75 -14.61 3.87 -2.15
C LYS A 75 -14.71 2.72 -3.17
N TYR A 76 -13.59 2.07 -3.46
CA TYR A 76 -13.60 1.12 -4.56
C TYR A 76 -14.28 -0.18 -4.13
N ARG A 77 -14.27 -0.53 -2.83
CA ARG A 77 -15.11 -1.65 -2.39
C ARG A 77 -16.61 -1.39 -2.59
N CYS A 78 -17.01 -0.11 -2.49
CA CYS A 78 -18.42 0.24 -2.72
C CYS A 78 -18.72 0.12 -4.20
N LEU A 79 -17.75 0.49 -5.06
CA LEU A 79 -18.00 0.56 -6.49
C LEU A 79 -17.82 -0.80 -7.17
N LYS A 80 -17.03 -1.68 -6.60
CA LYS A 80 -16.87 -2.96 -7.26
C LYS A 80 -17.17 -4.11 -6.30
N PRO A 81 -18.22 -4.91 -6.56
CA PRO A 81 -18.59 -5.97 -5.61
C PRO A 81 -17.63 -7.14 -5.69
N GLY A 82 -17.83 -8.06 -4.75
CA GLY A 82 -16.93 -9.18 -4.60
C GLY A 82 -15.82 -8.90 -3.56
N ASP A 83 -14.98 -9.92 -3.42
CA ASP A 83 -13.97 -9.92 -2.36
C ASP A 83 -12.79 -9.06 -2.78
N TRP A 84 -12.38 -8.18 -1.86
CA TRP A 84 -11.13 -7.45 -1.92
C TRP A 84 -10.14 -8.06 -0.93
N VAL A 85 -8.84 -8.01 -1.31
CA VAL A 85 -7.79 -8.55 -0.45
C VAL A 85 -6.78 -7.43 -0.18
N ILE A 86 -5.91 -7.67 0.81
CA ILE A 86 -4.87 -6.72 1.16
C ILE A 86 -3.54 -7.46 1.23
N LEU A 87 -2.61 -7.07 0.35
CA LEU A 87 -1.31 -7.68 0.30
C LEU A 87 -0.46 -7.01 1.36
N GLU A 88 0.27 -7.83 2.16
CA GLU A 88 1.26 -7.29 3.08
C GLU A 88 2.61 -7.50 2.44
N ILE A 89 3.45 -6.44 2.48
CA ILE A 89 4.68 -6.35 1.72
C ILE A 89 5.84 -5.98 2.65
N ASN A 90 6.97 -6.68 2.43
CA ASN A 90 8.17 -6.45 3.22
C ASN A 90 8.58 -4.99 3.11
N PRO A 91 8.77 -4.30 4.24
CA PRO A 91 9.30 -2.94 4.23
C PRO A 91 10.62 -2.73 3.47
N SER A 92 11.34 -3.85 3.17
CA SER A 92 12.60 -3.84 2.41
C SER A 92 12.42 -3.19 1.05
N VAL A 93 11.20 -3.29 0.48
CA VAL A 93 10.87 -2.66 -0.78
C VAL A 93 11.28 -1.19 -0.78
N LEU A 94 11.18 -0.52 0.39
CA LEU A 94 11.36 0.93 0.43
C LEU A 94 12.80 1.33 0.08
N TRP A 95 13.78 0.48 0.44
CA TRP A 95 15.15 0.75 0.02
C TRP A 95 15.58 -0.13 -1.15
N ALA A 96 15.00 -1.32 -1.34
CA ALA A 96 15.55 -2.22 -2.34
C ALA A 96 15.04 -1.90 -3.71
N LYS A 97 13.93 -1.17 -3.80
CA LYS A 97 13.35 -0.79 -5.07
C LYS A 97 13.34 0.73 -5.17
N ASP A 98 13.10 1.17 -6.41
CA ASP A 98 13.08 2.57 -6.77
C ASP A 98 11.75 3.20 -6.33
N CYS A 99 11.75 3.81 -5.13
CA CYS A 99 10.52 4.32 -4.52
C CYS A 99 10.55 5.84 -4.43
N ALA A 100 9.38 6.43 -4.72
CA ALA A 100 9.10 7.79 -4.28
C ALA A 100 8.13 7.77 -3.10
N PHE A 101 8.28 8.73 -2.20
CA PHE A 101 7.55 8.82 -0.96
C PHE A 101 6.68 10.10 -0.95
N TYR A 102 5.37 9.96 -0.69
CA TYR A 102 4.47 11.11 -0.73
C TYR A 102 3.71 11.20 0.59
N PRO A 103 3.72 12.37 1.28
CA PRO A 103 3.06 12.48 2.58
C PRO A 103 1.52 12.43 2.57
N THR A 104 0.94 12.56 1.39
CA THR A 104 -0.49 12.44 1.15
C THR A 104 -0.62 11.70 -0.17
N ASN A 105 -1.86 11.50 -0.61
CA ASN A 105 -2.20 10.92 -1.89
C ASN A 105 -1.29 11.53 -2.97
N ALA A 106 -0.69 10.67 -3.81
CA ALA A 106 0.27 11.08 -4.83
C ALA A 106 -0.41 11.83 -5.99
N ALA A 107 -1.74 11.73 -6.07
CA ALA A 107 -2.49 12.48 -7.08
C ALA A 107 -2.84 13.88 -6.58
N SER A 108 -2.52 14.22 -5.34
CA SER A 108 -2.91 15.51 -4.80
C SER A 108 -2.11 16.64 -5.45
N ASN A 109 -2.79 17.77 -5.64
CA ASN A 109 -2.14 18.99 -6.08
C ASN A 109 -1.04 19.43 -5.11
N ASN A 110 -1.17 19.09 -3.81
CA ASN A 110 -0.17 19.50 -2.81
C ASN A 110 1.25 18.94 -3.06
N VAL A 111 1.40 17.84 -3.84
CA VAL A 111 2.66 17.13 -3.96
C VAL A 111 2.97 16.76 -5.40
N ARG A 112 1.97 16.71 -6.30
CA ARG A 112 2.18 16.03 -7.56
C ARG A 112 2.99 16.91 -8.52
N PHE A 113 3.23 18.18 -8.18
CA PHE A 113 4.01 19.02 -9.10
C PHE A 113 5.51 19.05 -8.77
N ILE A 114 5.89 18.51 -7.59
CA ILE A 114 7.26 18.56 -7.10
C ILE A 114 8.12 17.67 -8.00
N ASN A 115 9.33 18.13 -8.31
CA ASN A 115 10.39 17.31 -8.91
C ASN A 115 10.41 15.91 -8.29
N LEU A 116 10.08 14.88 -9.08
CA LEU A 116 10.08 13.49 -8.60
C LEU A 116 11.39 13.13 -7.90
N ASP A 117 12.55 13.68 -8.32
CA ASP A 117 13.82 13.28 -7.71
C ASP A 117 13.89 13.75 -6.25
N LEU A 118 13.14 14.78 -5.86
CA LEU A 118 13.11 15.24 -4.47
C LEU A 118 12.27 14.33 -3.56
N MET A 119 11.47 13.45 -4.18
CA MET A 119 10.54 12.57 -3.45
C MET A 119 11.15 11.19 -3.24
N LYS A 120 12.43 10.99 -3.61
CA LYS A 120 13.12 9.71 -3.42
C LYS A 120 13.98 9.86 -2.18
N GLY A 121 14.44 8.82 -1.55
CA GLY A 121 15.34 9.21 -0.45
C GLY A 121 14.68 9.45 0.92
N ALA A 122 15.56 9.45 1.93
CA ALA A 122 15.18 9.36 3.33
C ALA A 122 14.47 10.63 3.78
N GLU A 123 14.84 11.78 3.17
CA GLU A 123 14.21 13.03 3.51
C GLU A 123 12.72 13.00 3.18
N ALA A 124 12.40 12.59 1.95
CA ALA A 124 11.00 12.46 1.58
C ALA A 124 10.31 11.39 2.44
N PHE A 125 10.98 10.26 2.69
CA PHE A 125 10.35 9.25 3.55
C PHE A 125 9.97 9.82 4.92
N SER A 126 10.86 10.58 5.55
CA SER A 126 10.63 11.10 6.89
CA SER A 126 10.60 11.06 6.91
C SER A 126 9.44 12.07 6.94
N ALA A 127 9.17 12.74 5.83
CA ALA A 127 8.10 13.72 5.77
C ALA A 127 6.73 13.04 5.90
N LEU A 128 6.64 11.72 5.66
CA LEU A 128 5.36 11.00 5.86
C LEU A 128 4.92 11.07 7.31
N PHE A 129 5.86 11.41 8.22
CA PHE A 129 5.61 11.36 9.65
C PHE A 129 5.60 12.73 10.31
N SER A 130 5.49 13.81 9.52
CA SER A 130 5.58 15.18 10.04
C SER A 130 4.44 15.47 10.99
N GLU A 131 4.69 16.43 11.88
CA GLU A 131 3.67 16.94 12.78
C GLU A 131 2.52 17.59 12.02
N ASN A 132 2.70 18.08 10.79
CA ASN A 132 1.57 18.65 10.07
C ASN A 132 1.73 18.31 8.59
N VAL A 133 0.69 17.66 8.03
CA VAL A 133 0.69 17.31 6.62
C VAL A 133 -0.49 18.01 5.95
N PHE A 134 -0.15 19.15 5.32
CA PHE A 134 -1.09 19.92 4.52
C PHE A 134 -2.37 20.12 5.31
N GLY A 135 -2.24 20.46 6.60
CA GLY A 135 -3.43 20.68 7.39
C GLY A 135 -3.80 19.53 8.33
N ILE A 136 -3.31 18.29 8.11
CA ILE A 136 -3.55 17.21 9.09
C ILE A 136 -2.49 17.29 10.17
N GLN A 137 -2.94 17.57 11.41
CA GLN A 137 -2.06 17.65 12.56
C GLN A 137 -1.92 16.25 13.10
N ARG A 138 -0.68 15.80 13.27
CA ARG A 138 -0.48 14.44 13.74
C ARG A 138 -0.92 14.35 15.20
N ASP A 139 -1.78 13.37 15.49
CA ASP A 139 -2.18 13.09 16.86
C ASP A 139 -0.96 12.64 17.67
N VAL A 140 -0.85 13.24 18.86
CA VAL A 140 0.21 12.94 19.82
C VAL A 140 0.28 11.45 20.16
N ASN A 141 -0.87 10.74 20.13
CA ASN A 141 -0.96 9.32 20.47
C ASN A 141 -0.87 8.38 19.25
N LEU A 142 -0.73 8.91 18.04
CA LEU A 142 -0.59 8.06 16.86
C LEU A 142 0.72 7.28 16.94
N PRO A 143 0.68 5.93 16.93
CA PRO A 143 1.91 5.13 17.05
C PRO A 143 2.88 5.50 15.93
N SER A 144 4.17 5.33 16.23
CA SER A 144 5.23 5.85 15.39
C SER A 144 5.22 5.27 13.96
N GLU A 145 4.72 4.05 13.80
CA GLU A 145 4.76 3.37 12.48
C GLU A 145 3.69 3.86 11.49
N TYR A 146 2.75 4.70 11.94
CA TYR A 146 1.72 5.26 11.09
C TYR A 146 2.08 6.62 10.54
N THR A 147 1.74 6.77 9.24
CA THR A 147 1.82 8.05 8.56
C THR A 147 0.80 9.02 9.15
N THR A 148 1.18 10.30 9.19
CA THR A 148 0.33 11.38 9.66
C THR A 148 -1.00 11.36 8.94
N ASP A 149 -0.91 11.35 7.60
CA ASP A 149 -2.03 11.27 6.69
C ASP A 149 -2.17 9.83 6.23
N VAL A 150 -3.37 9.26 6.41
CA VAL A 150 -3.63 7.88 6.07
C VAL A 150 -3.39 7.64 4.57
N GLN A 151 -3.46 8.69 3.72
CA GLN A 151 -3.33 8.53 2.27
C GLN A 151 -1.88 8.64 1.79
N ALA A 152 -0.95 8.88 2.71
CA ALA A 152 0.48 8.84 2.35
C ALA A 152 0.76 7.59 1.51
N ALA A 153 1.56 7.82 0.47
CA ALA A 153 1.72 6.83 -0.58
C ALA A 153 3.22 6.62 -0.93
N ILE A 154 3.49 5.36 -1.31
CA ILE A 154 4.76 4.96 -1.87
C ILE A 154 4.50 4.62 -3.34
N LEU A 155 5.29 5.23 -4.25
CA LEU A 155 5.19 4.86 -5.65
C LEU A 155 6.44 4.07 -5.98
N VAL A 156 6.26 2.84 -6.50
CA VAL A 156 7.36 1.92 -6.75
C VAL A 156 7.52 1.77 -8.28
N PHE A 157 8.68 2.23 -8.79
CA PHE A 157 8.84 2.44 -10.21
C PHE A 157 9.42 1.18 -10.83
N GLU A 158 9.35 0.05 -10.15
CA GLU A 158 9.68 -1.22 -10.77
C GLU A 158 8.85 -2.33 -10.16
N LYS A 159 8.81 -3.44 -10.87
CA LYS A 159 8.07 -4.62 -10.47
C LYS A 159 8.47 -5.00 -9.05
N ILE A 160 7.51 -5.65 -8.38
CA ILE A 160 7.75 -6.21 -7.05
C ILE A 160 7.48 -7.70 -7.13
N PRO A 161 8.55 -8.53 -7.18
CA PRO A 161 8.39 -9.98 -7.23
C PRO A 161 7.58 -10.52 -6.05
N PRO A 162 6.88 -11.65 -6.28
CA PRO A 162 5.99 -12.17 -5.27
C PRO A 162 6.69 -12.53 -3.97
N SER A 163 8.01 -12.75 -3.96
CA SER A 163 8.69 -13.07 -2.72
C SER A 163 8.60 -11.92 -1.69
N TYR A 164 8.39 -10.67 -2.13
CA TYR A 164 8.27 -9.54 -1.19
C TYR A 164 6.90 -9.50 -0.51
N ILE A 165 5.94 -10.31 -0.99
CA ILE A 165 4.61 -10.41 -0.40
C ILE A 165 4.71 -11.35 0.79
N ILE A 166 4.52 -10.85 2.02
CA ILE A 166 4.76 -11.68 3.19
C ILE A 166 3.49 -12.37 3.66
N SER A 167 2.31 -11.81 3.33
CA SER A 167 1.00 -12.44 3.56
C SER A 167 -0.04 -11.67 2.78
N THR A 168 -1.20 -12.30 2.67
CA THR A 168 -2.38 -11.71 2.06
C THR A 168 -3.58 -11.87 2.99
N PHE A 169 -4.32 -10.76 3.13
CA PHE A 169 -5.51 -10.74 3.98
C PHE A 169 -6.79 -10.86 3.15
N HIS A 170 -7.67 -11.77 3.61
CA HIS A 170 -8.93 -12.03 2.94
C HIS A 170 -10.12 -11.62 3.83
N PRO A 171 -11.28 -11.31 3.21
CA PRO A 171 -12.46 -10.90 3.98
C PRO A 171 -13.27 -12.06 4.55
N ASN A 172 -12.98 -13.31 4.11
CA ASN A 172 -13.67 -14.49 4.63
C ASN A 172 -12.71 -15.67 4.50
N LYS A 173 -13.00 -16.70 5.31
CA LYS A 173 -12.20 -17.91 5.40
C LYS A 173 -12.10 -18.61 4.04
N GLU A 174 -13.22 -18.68 3.32
CA GLU A 174 -13.30 -19.43 2.07
C GLU A 174 -12.38 -18.80 1.04
N SER A 175 -12.26 -17.46 0.99
CA SER A 175 -11.35 -16.79 0.05
C SER A 175 -9.92 -17.24 0.36
N ALA A 176 -9.56 -17.16 1.63
CA ALA A 176 -8.21 -17.48 2.07
C ALA A 176 -7.92 -18.95 1.73
N GLU A 177 -8.88 -19.86 2.01
CA GLU A 177 -8.64 -21.28 1.79
C GLU A 177 -8.51 -21.60 0.31
N HIS A 178 -9.23 -20.86 -0.56
CA HIS A 178 -9.14 -21.06 -2.00
C HIS A 178 -7.70 -20.77 -2.45
N PHE A 179 -7.19 -19.61 -2.03
CA PHE A 179 -5.87 -19.20 -2.48
C PHE A 179 -4.77 -20.01 -1.81
N LYS A 180 -4.99 -20.48 -0.58
CA LYS A 180 -4.02 -21.34 0.09
C LYS A 180 -3.84 -22.66 -0.65
N ARG A 181 -4.96 -23.28 -1.10
CA ARG A 181 -4.86 -24.46 -1.93
C ARG A 181 -4.02 -24.17 -3.16
N LEU A 182 -4.14 -23.00 -3.78
CA LEU A 182 -3.41 -22.74 -5.03
C LEU A 182 -1.94 -22.42 -4.80
N TYR A 183 -1.65 -21.80 -3.64
CA TYR A 183 -0.35 -21.29 -3.28
C TYR A 183 -0.01 -21.76 -1.85
N PRO A 184 0.23 -23.08 -1.67
CA PRO A 184 0.37 -23.64 -0.33
C PRO A 184 1.62 -23.22 0.43
N GLN A 185 2.59 -22.61 -0.25
CA GLN A 185 3.76 -22.11 0.45
C GLN A 185 3.56 -20.69 0.99
N THR A 186 2.42 -20.08 0.70
CA THR A 186 2.21 -18.68 1.03
C THR A 186 1.31 -18.59 2.26
N ILE A 187 1.34 -17.41 2.91
CA ILE A 187 0.46 -17.14 4.03
C ILE A 187 -0.79 -16.39 3.57
N GLN A 188 -1.95 -17.03 3.80
CA GLN A 188 -3.27 -16.50 3.45
C GLN A 188 -4.06 -16.36 4.75
N ARG A 189 -4.33 -15.10 5.12
CA ARG A 189 -4.95 -14.78 6.40
C ARG A 189 -6.40 -14.33 6.15
N TYR A 190 -7.22 -14.34 7.21
CA TYR A 190 -8.62 -13.97 7.06
C TYR A 190 -9.20 -13.51 8.39
N TYR A 191 -10.35 -12.84 8.29
CA TYR A 191 -11.12 -12.41 9.43
C TYR A 191 -12.40 -13.27 9.43
N ASP A 192 -12.78 -13.74 10.60
CA ASP A 192 -14.04 -14.48 10.78
C ASP A 192 -15.23 -13.52 10.94
N ASN A 193 -15.05 -12.41 11.65
CA ASN A 193 -16.09 -11.39 11.82
C ASN A 193 -15.56 -10.08 11.27
N LEU A 194 -16.20 -9.50 10.26
CA LEU A 194 -15.75 -8.19 9.77
C LEU A 194 -16.31 -7.05 10.62
N ASN A 195 -17.27 -7.34 11.50
CA ASN A 195 -17.65 -6.43 12.59
C ASN A 195 -16.54 -6.52 13.63
N ALA A 196 -15.52 -5.68 13.43
CA ALA A 196 -14.26 -5.79 14.15
C ALA A 196 -13.35 -4.70 13.63
N ARG A 197 -12.25 -4.47 14.36
CA ARG A 197 -11.18 -3.61 13.88
C ARG A 197 -10.32 -4.46 12.95
N THR A 198 -10.40 -4.17 11.64
CA THR A 198 -9.70 -4.96 10.63
C THR A 198 -9.01 -4.01 9.66
N LEU A 199 -8.18 -4.55 8.75
CA LEU A 199 -7.54 -3.70 7.76
C LEU A 199 -8.53 -3.16 6.73
N TYR A 200 -9.84 -3.54 6.81
CA TYR A 200 -10.90 -2.97 5.99
C TYR A 200 -11.53 -1.75 6.67
N SER A 201 -11.18 -1.51 7.95
CA SER A 201 -11.69 -0.42 8.75
C SER A 201 -11.02 0.90 8.37
N GLN A 202 -11.74 2.00 8.62
CA GLN A 202 -11.10 3.31 8.71
C GLN A 202 -10.07 3.27 9.86
N ARG A 203 -8.98 4.02 9.64
CA ARG A 203 -7.84 3.92 10.57
C ARG A 203 -8.20 4.46 11.95
N HIS A 204 -8.95 5.57 12.02
CA HIS A 204 -9.32 6.21 13.29
C HIS A 204 -10.05 5.18 14.16
N TYR A 205 -10.85 4.30 13.51
CA TYR A 205 -11.57 3.23 14.22
C TYR A 205 -10.60 2.13 14.62
N TYR A 206 -9.81 1.67 13.64
CA TYR A 206 -8.82 0.61 13.89
C TYR A 206 -7.95 0.89 15.12
N LEU A 207 -7.45 2.12 15.25
CA LEU A 207 -6.56 2.53 16.33
C LEU A 207 -7.33 3.07 17.54
N GLY A 208 -8.67 2.98 17.55
CA GLY A 208 -9.46 3.59 18.61
C GLY A 208 -9.59 2.72 19.85
#